data_4JLV
#
_entry.id   4JLV
#
_cell.length_a   41.030
_cell.length_b   64.630
_cell.length_c   88.280
_cell.angle_alpha   90.00
_cell.angle_beta   90.00
_cell.angle_gamma   90.00
#
_symmetry.space_group_name_H-M   'P 21 21 21'
#
loop_
_entity.id
_entity.type
_entity.pdbx_description
1 polymer 'C-terminal fragment of Membrane protein CapA1, Putative uncharacterized protein capB1'
2 non-polymer "ADENOSINE-5'-DIPHOSPHATE"
3 non-polymer 'MAGNESIUM ION'
4 water water
#
_entity_poly.entity_id   1
_entity_poly.type   'polypeptide(L)'
_entity_poly.pdbx_seq_one_letter_code
;MRGSHHHHHHGSVIFDKRIKDEEDVEKELGLPVLGSIQKFNMSKKENTTTTLFVYEKPKSTISEKFRGIRSNIMFSKANG
EVKRLLVTSEKPGAGKSTVVSNVAITYAQAGYKTLVIDGDMRKPTQNYIFNEQNNNGLSSLIIGRTTMSEAITSTEIENL
DLLTAGPVPPNPSELIGSERFKELVDLFNKRYDIIIVDTPPVNTVTDAQLYARAIKDSLLVIDNEKNDKNEVKKAKALME
KAGSNILGVILNKTKVDKSSSYYHYYGDE
;
_entity_poly.pdbx_strand_id   A
#
loop_
_chem_comp.id
_chem_comp.type
_chem_comp.name
_chem_comp.formula
ADP non-polymer ADENOSINE-5'-DIPHOSPHATE 'C10 H15 N5 O10 P2'
MG non-polymer 'MAGNESIUM ION' 'Mg 2'
#
# COMPACT_ATOMS: atom_id res chain seq x y z
N ASP A 16 16.11 -23.35 8.96
CA ASP A 16 15.92 -22.03 8.38
C ASP A 16 14.44 -21.66 8.18
N LYS A 17 14.06 -20.51 8.72
CA LYS A 17 12.66 -20.07 8.75
C LYS A 17 12.24 -19.22 7.54
N ARG A 18 13.20 -18.88 6.69
CA ARG A 18 12.94 -17.93 5.61
C ARG A 18 12.05 -18.46 4.47
N ILE A 19 11.10 -17.62 4.05
CA ILE A 19 10.34 -17.83 2.82
C ILE A 19 11.19 -17.34 1.66
N LYS A 20 11.58 -18.24 0.76
CA LYS A 20 12.57 -17.92 -0.27
C LYS A 20 12.03 -17.77 -1.69
N ASP A 21 10.83 -18.26 -1.94
CA ASP A 21 10.34 -18.25 -3.32
C ASP A 21 8.85 -18.49 -3.43
N GLU A 22 8.39 -18.52 -4.69
CA GLU A 22 7.00 -18.77 -5.05
C GLU A 22 6.46 -20.09 -4.52
N GLU A 23 7.33 -21.11 -4.45
CA GLU A 23 6.94 -22.39 -3.91
C GLU A 23 6.77 -22.32 -2.39
N ASP A 24 7.73 -21.69 -1.72
CA ASP A 24 7.60 -21.41 -0.30
C ASP A 24 6.31 -20.64 0.01
N VAL A 25 6.00 -19.67 -0.85
CA VAL A 25 4.81 -18.84 -0.65
C VAL A 25 3.52 -19.67 -0.74
N GLU A 26 3.38 -20.46 -1.80
CA GLU A 26 2.18 -21.27 -2.01
C GLU A 26 1.99 -22.30 -0.93
N LYS A 27 3.07 -22.95 -0.54
CA LYS A 27 2.98 -24.02 0.43
C LYS A 27 2.69 -23.42 1.81
N GLU A 28 3.48 -22.43 2.21
CA GLU A 28 3.39 -21.88 3.56
C GLU A 28 2.24 -20.90 3.80
N LEU A 29 1.83 -20.19 2.75
CA LEU A 29 0.83 -19.12 2.89
C LEU A 29 -0.40 -19.34 2.05
N GLY A 30 -0.26 -20.17 1.00
CA GLY A 30 -1.38 -20.49 0.14
C GLY A 30 -1.88 -19.30 -0.65
N LEU A 31 -0.96 -18.44 -1.07
CA LEU A 31 -1.29 -17.23 -1.84
C LEU A 31 -0.45 -17.25 -3.11
N PRO A 32 -0.92 -16.59 -4.17
CA PRO A 32 -0.05 -16.51 -5.36
C PRO A 32 0.99 -15.42 -5.18
N VAL A 33 2.16 -15.59 -5.80
CA VAL A 33 3.12 -14.50 -5.83
C VAL A 33 2.71 -13.63 -6.99
N LEU A 34 2.40 -12.37 -6.68
CA LEU A 34 1.90 -11.47 -7.72
C LEU A 34 3.02 -10.70 -8.40
N GLY A 35 4.22 -10.74 -7.83
CA GLY A 35 5.36 -10.14 -8.48
C GLY A 35 6.61 -10.21 -7.61
N SER A 36 7.77 -10.20 -8.27
CA SER A 36 9.05 -10.20 -7.57
C SER A 36 9.81 -8.94 -7.97
N ILE A 37 10.30 -8.21 -6.98
CA ILE A 37 11.12 -7.04 -7.27
C ILE A 37 12.55 -7.32 -6.84
N GLN A 38 13.49 -7.14 -7.75
CA GLN A 38 14.89 -7.42 -7.44
C GLN A 38 15.49 -6.31 -6.56
N LYS A 39 16.58 -6.63 -5.87
CA LYS A 39 17.29 -5.65 -5.04
C LYS A 39 18.07 -4.69 -5.93
N PHE A 40 18.53 -3.55 -5.37
CA PHE A 40 19.31 -2.59 -6.16
C PHE A 40 20.19 -1.67 -5.30
N THR A 50 15.28 8.39 -7.95
CA THR A 50 16.05 7.19 -7.67
C THR A 50 15.20 6.11 -7.00
N THR A 51 13.90 6.38 -6.89
CA THR A 51 12.99 5.46 -6.23
C THR A 51 11.68 5.25 -7.01
N LEU A 52 11.22 6.27 -7.71
CA LEU A 52 10.08 6.14 -8.63
C LEU A 52 10.52 5.59 -10.00
N PHE A 53 10.88 4.31 -10.04
CA PHE A 53 11.34 3.63 -11.26
C PHE A 53 10.35 3.64 -12.42
N VAL A 54 9.06 3.54 -12.14
CA VAL A 54 8.09 3.44 -13.22
C VAL A 54 8.01 4.79 -13.95
N TYR A 55 8.23 5.87 -13.20
CA TYR A 55 8.26 7.22 -13.75
C TYR A 55 9.64 7.60 -14.25
N GLU A 56 10.63 7.60 -13.37
CA GLU A 56 11.98 8.05 -13.70
C GLU A 56 12.64 7.19 -14.78
N LYS A 57 12.37 5.89 -14.74
CA LYS A 57 13.04 4.94 -15.63
C LYS A 57 12.08 3.87 -16.18
N PRO A 58 11.12 4.29 -17.04
CA PRO A 58 10.07 3.36 -17.53
C PRO A 58 10.60 2.19 -18.32
N LYS A 59 11.87 2.23 -18.70
CA LYS A 59 12.44 1.19 -19.54
C LYS A 59 13.19 0.13 -18.75
N SER A 60 13.39 0.37 -17.45
CA SER A 60 14.11 -0.61 -16.64
C SER A 60 13.34 -1.92 -16.53
N THR A 61 14.08 -2.99 -16.28
CA THR A 61 13.49 -4.29 -16.03
C THR A 61 12.59 -4.24 -14.80
N ILE A 62 12.95 -3.40 -13.82
CA ILE A 62 12.18 -3.31 -12.58
C ILE A 62 10.81 -2.65 -12.80
N SER A 63 10.75 -1.71 -13.74
CA SER A 63 9.49 -1.04 -14.08
C SER A 63 8.50 -2.01 -14.68
N GLU A 64 8.97 -2.80 -15.64
CA GLU A 64 8.13 -3.83 -16.24
C GLU A 64 7.58 -4.81 -15.19
N LYS A 65 8.41 -5.14 -14.21
CA LYS A 65 7.95 -6.02 -13.14
C LYS A 65 6.83 -5.38 -12.31
N PHE A 66 6.79 -4.06 -12.26
CA PHE A 66 5.73 -3.40 -11.50
C PHE A 66 4.44 -3.42 -12.29
N ARG A 67 4.58 -3.26 -13.61
CA ARG A 67 3.46 -3.37 -14.51
C ARG A 67 2.93 -4.81 -14.49
N GLY A 68 3.81 -5.77 -14.22
CA GLY A 68 3.40 -7.16 -14.11
C GLY A 68 2.59 -7.38 -12.85
N ILE A 69 2.97 -6.67 -11.79
CA ILE A 69 2.23 -6.71 -10.53
C ILE A 69 0.82 -6.16 -10.74
N ARG A 70 0.71 -5.06 -11.47
CA ARG A 70 -0.61 -4.50 -11.78
C ARG A 70 -1.46 -5.52 -12.55
N SER A 71 -0.81 -6.19 -13.50
CA SER A 71 -1.45 -7.22 -14.27
C SER A 71 -1.97 -8.35 -13.38
N ASN A 72 -1.11 -8.83 -12.49
CA ASN A 72 -1.52 -9.90 -11.58
C ASN A 72 -2.52 -9.50 -10.51
N ILE A 73 -2.58 -8.22 -10.17
CA ILE A 73 -3.61 -7.76 -9.24
C ILE A 73 -4.96 -7.90 -9.94
N MET A 74 -4.98 -7.57 -11.23
CA MET A 74 -6.19 -7.71 -12.03
C MET A 74 -6.67 -9.16 -12.18
N PHE A 75 -5.75 -10.10 -12.39
CA PHE A 75 -6.10 -11.53 -12.47
C PHE A 75 -6.58 -12.07 -11.13
N SER A 76 -6.00 -11.54 -10.05
CA SER A 76 -6.29 -12.03 -8.70
C SER A 76 -7.74 -11.86 -8.29
N LYS A 77 -8.39 -10.81 -8.80
CA LYS A 77 -9.76 -10.53 -8.42
C LYS A 77 -10.73 -11.17 -9.42
N GLY A 80 -14.83 -9.74 -10.20
CA GLY A 80 -14.66 -8.46 -9.52
C GLY A 80 -13.47 -7.66 -10.01
N GLU A 81 -13.42 -6.38 -9.64
CA GLU A 81 -12.25 -5.53 -9.93
C GLU A 81 -11.77 -4.74 -8.69
N VAL A 82 -10.49 -4.37 -8.69
CA VAL A 82 -9.89 -3.80 -7.50
C VAL A 82 -10.05 -2.29 -7.43
N LYS A 83 -10.83 -1.83 -6.46
CA LYS A 83 -11.11 -0.38 -6.37
C LYS A 83 -10.33 0.26 -5.23
N ARG A 84 -10.11 -0.52 -4.17
CA ARG A 84 -9.34 -0.08 -3.02
C ARG A 84 -8.33 -1.16 -2.66
N LEU A 85 -7.07 -0.77 -2.53
CA LEU A 85 -6.01 -1.71 -2.19
C LEU A 85 -5.15 -1.21 -1.03
N LEU A 86 -5.02 -2.06 -0.02
CA LEU A 86 -4.14 -1.83 1.11
C LEU A 86 -2.84 -2.62 0.93
N VAL A 87 -1.69 -1.96 1.10
CA VAL A 87 -0.40 -2.65 1.00
C VAL A 87 0.28 -2.69 2.37
N THR A 88 0.65 -3.90 2.80
CA THR A 88 1.28 -4.05 4.09
C THR A 88 2.34 -5.14 4.08
N SER A 89 2.89 -5.44 5.28
CA SER A 89 3.97 -6.39 5.46
C SER A 89 4.01 -6.82 6.92
N GLU A 90 4.81 -7.84 7.24
CA GLU A 90 4.86 -8.33 8.61
C GLU A 90 5.76 -7.42 9.45
N LYS A 91 6.85 -6.93 8.88
CA LYS A 91 7.85 -6.20 9.63
C LYS A 91 8.28 -4.94 8.87
N PRO A 92 8.83 -3.93 9.59
CA PRO A 92 9.35 -2.73 8.93
C PRO A 92 10.39 -3.02 7.84
N GLY A 93 10.49 -2.14 6.86
CA GLY A 93 11.54 -2.21 5.86
C GLY A 93 11.30 -3.17 4.69
N ALA A 94 10.16 -3.86 4.70
CA ALA A 94 9.86 -4.85 3.65
C ALA A 94 9.82 -4.25 2.25
N GLY A 95 9.41 -2.99 2.14
CA GLY A 95 9.31 -2.35 0.84
C GLY A 95 7.86 -2.00 0.48
N LYS A 96 7.00 -1.95 1.51
CA LYS A 96 5.62 -1.51 1.36
C LYS A 96 5.53 -0.24 0.54
N SER A 97 6.20 0.79 1.05
CA SER A 97 6.10 2.11 0.48
C SER A 97 6.59 2.15 -0.98
N THR A 98 7.68 1.44 -1.27
CA THR A 98 8.21 1.39 -2.63
C THR A 98 7.20 0.73 -3.55
N VAL A 99 6.53 -0.31 -3.06
CA VAL A 99 5.50 -1.01 -3.82
C VAL A 99 4.31 -0.09 -4.04
N VAL A 100 3.84 0.59 -2.98
CA VAL A 100 2.70 1.49 -3.13
C VAL A 100 2.95 2.53 -4.20
N SER A 101 4.07 3.23 -4.08
CA SER A 101 4.42 4.31 -5.00
C SER A 101 4.40 3.82 -6.45
N ASN A 102 5.16 2.78 -6.74
CA ASN A 102 5.33 2.32 -8.11
C ASN A 102 4.11 1.66 -8.71
N VAL A 103 3.44 0.84 -7.92
CA VAL A 103 2.24 0.21 -8.43
C VAL A 103 1.21 1.29 -8.77
N ALA A 104 1.12 2.31 -7.93
CA ALA A 104 0.19 3.43 -8.17
C ALA A 104 0.46 4.12 -9.49
N ILE A 105 1.74 4.30 -9.77
CA ILE A 105 2.12 4.92 -11.03
C ILE A 105 1.70 4.06 -12.25
N THR A 106 1.76 2.73 -12.13
CA THR A 106 1.39 1.91 -13.29
C THR A 106 -0.09 2.07 -13.56
N TYR A 107 -0.90 2.26 -12.52
CA TYR A 107 -2.32 2.49 -12.75
C TYR A 107 -2.57 3.83 -13.41
N ALA A 108 -1.85 4.86 -12.96
CA ALA A 108 -2.07 6.20 -13.50
C ALA A 108 -1.76 6.26 -15.00
N GLN A 109 -0.62 5.68 -15.37
CA GLN A 109 -0.15 5.68 -16.75
C GLN A 109 -1.03 4.83 -17.65
N ALA A 110 -1.78 3.90 -17.07
CA ALA A 110 -2.76 3.14 -17.82
C ALA A 110 -4.05 3.93 -17.98
N GLY A 111 -4.08 5.14 -17.42
CA GLY A 111 -5.19 6.06 -17.63
C GLY A 111 -6.30 6.04 -16.57
N TYR A 112 -6.02 5.38 -15.45
CA TYR A 112 -6.93 5.35 -14.31
C TYR A 112 -6.68 6.53 -13.37
N LYS A 113 -7.74 7.16 -12.88
CA LYS A 113 -7.57 8.18 -11.83
C LYS A 113 -7.22 7.48 -10.54
N THR A 114 -6.01 7.75 -10.06
CA THR A 114 -5.41 7.00 -8.97
C THR A 114 -5.07 7.88 -7.73
N LEU A 115 -5.52 7.45 -6.55
CA LEU A 115 -5.13 8.10 -5.31
C LEU A 115 -4.27 7.20 -4.45
N VAL A 116 -3.06 7.66 -4.15
CA VAL A 116 -2.26 7.06 -3.10
C VAL A 116 -2.62 7.72 -1.77
N ILE A 117 -2.96 6.91 -0.78
CA ILE A 117 -3.11 7.44 0.57
C ILE A 117 -1.98 6.89 1.42
N ASP A 118 -1.19 7.78 2.00
CA ASP A 118 -0.18 7.34 2.94
C ASP A 118 -0.86 7.14 4.28
N GLY A 119 -1.29 5.90 4.52
CA GLY A 119 -1.96 5.57 5.76
C GLY A 119 -0.99 5.23 6.88
N ASP A 120 0.31 5.37 6.65
CA ASP A 120 1.26 5.21 7.74
C ASP A 120 1.43 6.55 8.46
N MET A 121 0.66 6.75 9.52
CA MET A 121 0.72 7.99 10.26
C MET A 121 1.73 7.91 11.42
N ARG A 122 2.45 6.80 11.52
CA ARG A 122 3.51 6.64 12.52
C ARG A 122 4.83 7.07 11.89
N LYS A 123 5.18 6.47 10.75
CA LYS A 123 6.37 6.91 10.03
C LYS A 123 6.05 7.17 8.57
N PRO A 124 5.32 8.27 8.30
CA PRO A 124 4.94 8.68 6.94
C PRO A 124 6.13 8.70 6.01
N THR A 125 5.93 8.29 4.75
CA THR A 125 7.06 8.27 3.83
C THR A 125 6.70 8.63 2.38
N GLN A 126 5.43 8.50 1.99
CA GLN A 126 5.02 8.84 0.62
C GLN A 126 5.39 10.28 0.25
N ASN A 127 5.30 11.18 1.22
CA ASN A 127 5.64 12.58 0.99
C ASN A 127 7.11 12.79 0.60
N TYR A 128 8.00 11.99 1.20
CA TYR A 128 9.40 12.02 0.80
C TYR A 128 9.60 11.36 -0.56
N ILE A 129 8.88 10.28 -0.81
CA ILE A 129 9.01 9.57 -2.08
C ILE A 129 8.61 10.42 -3.28
N PHE A 130 7.52 11.18 -3.13
CA PHE A 130 7.00 11.99 -4.23
C PHE A 130 7.48 13.43 -4.16
N ASN A 131 8.21 13.74 -3.09
CA ASN A 131 8.72 15.08 -2.85
C ASN A 131 7.59 16.14 -2.74
N GLU A 132 6.59 15.85 -1.91
CA GLU A 132 5.47 16.76 -1.68
C GLU A 132 5.38 17.16 -0.21
N GLN A 133 4.88 18.36 0.07
CA GLN A 133 4.85 18.85 1.46
C GLN A 133 3.70 18.28 2.29
N ASN A 134 4.06 17.78 3.47
CA ASN A 134 3.15 17.04 4.33
C ASN A 134 2.58 17.90 5.46
N ASN A 135 2.19 19.14 5.14
CA ASN A 135 1.58 20.00 6.14
C ASN A 135 0.14 19.63 6.40
N ASN A 136 -0.59 19.37 5.33
CA ASN A 136 -1.95 18.85 5.43
C ASN A 136 -1.96 17.47 4.83
N GLY A 137 -2.74 16.57 5.42
CA GLY A 137 -2.75 15.20 4.94
C GLY A 137 -3.84 14.44 5.65
N LEU A 138 -3.69 13.13 5.69
CA LEU A 138 -4.75 12.28 6.20
C LEU A 138 -5.17 12.64 7.63
N SER A 139 -4.19 12.75 8.53
CA SER A 139 -4.46 12.96 9.95
C SER A 139 -5.35 14.16 10.19
N SER A 140 -4.95 15.29 9.63
CA SER A 140 -5.72 16.50 9.85
C SER A 140 -7.00 16.54 9.04
N LEU A 141 -7.04 15.78 7.94
CA LEU A 141 -8.26 15.67 7.16
C LEU A 141 -9.31 14.92 7.96
N ILE A 142 -8.87 13.88 8.66
CA ILE A 142 -9.81 13.03 9.36
C ILE A 142 -10.55 13.83 10.43
N ILE A 143 -9.82 14.63 11.21
CA ILE A 143 -10.43 15.47 12.25
C ILE A 143 -11.06 16.78 11.73
N GLY A 144 -10.83 17.10 10.45
CA GLY A 144 -11.49 18.25 9.86
C GLY A 144 -10.74 19.56 9.98
N ARG A 145 -9.46 19.49 10.34
CA ARG A 145 -8.64 20.70 10.43
C ARG A 145 -8.19 21.17 9.05
N THR A 146 -8.23 20.28 8.06
CA THR A 146 -7.97 20.68 6.68
C THR A 146 -9.09 20.19 5.75
N THR A 147 -9.10 20.63 4.49
CA THR A 147 -10.13 20.19 3.54
C THR A 147 -9.63 19.09 2.56
N MET A 148 -10.56 18.47 1.85
CA MET A 148 -10.19 17.52 0.79
C MET A 148 -9.31 18.18 -0.24
N SER A 149 -9.69 19.37 -0.69
CA SER A 149 -8.92 20.05 -1.71
C SER A 149 -7.52 20.39 -1.21
N GLU A 150 -7.42 20.64 0.08
CA GLU A 150 -6.17 21.08 0.68
C GLU A 150 -5.24 19.89 0.94
N ALA A 151 -5.83 18.80 1.38
CA ALA A 151 -5.07 17.64 1.82
C ALA A 151 -4.54 16.80 0.64
N ILE A 152 -5.27 16.80 -0.46
CA ILE A 152 -4.89 15.98 -1.62
C ILE A 152 -4.08 16.79 -2.61
N THR A 153 -2.91 16.30 -2.97
CA THR A 153 -2.06 17.03 -3.90
C THR A 153 -1.89 16.29 -5.23
N SER A 154 -1.97 17.00 -6.35
CA SER A 154 -1.75 16.35 -7.64
C SER A 154 -0.27 16.20 -7.83
N THR A 155 0.15 15.02 -8.26
CA THR A 155 1.58 14.76 -8.47
C THR A 155 1.98 15.15 -9.87
N GLU A 156 3.27 15.00 -10.16
CA GLU A 156 3.79 15.26 -11.50
C GLU A 156 3.47 14.11 -12.46
N ILE A 157 2.81 13.08 -11.95
CA ILE A 157 2.42 11.98 -12.81
C ILE A 157 0.95 12.14 -13.13
N GLU A 158 0.63 12.27 -14.42
CA GLU A 158 -0.75 12.49 -14.86
C GLU A 158 -1.67 11.42 -14.28
N ASN A 159 -2.86 11.81 -13.84
CA ASN A 159 -3.84 10.88 -13.25
C ASN A 159 -3.49 10.35 -11.84
N LEU A 160 -2.39 10.84 -11.27
CA LEU A 160 -1.99 10.36 -9.95
C LEU A 160 -2.03 11.47 -8.90
N ASP A 161 -2.93 11.33 -7.93
CA ASP A 161 -2.99 12.23 -6.79
C ASP A 161 -2.45 11.55 -5.53
N LEU A 162 -2.02 12.37 -4.56
CA LEU A 162 -1.38 11.88 -3.34
C LEU A 162 -1.96 12.54 -2.10
N LEU A 163 -2.50 11.72 -1.21
CA LEU A 163 -2.93 12.19 0.10
C LEU A 163 -1.86 11.76 1.09
N THR A 164 -0.98 12.69 1.45
CA THR A 164 0.06 12.41 2.41
C THR A 164 -0.52 12.08 3.80
N ALA A 165 0.34 11.62 4.70
CA ALA A 165 -0.13 11.16 6.00
C ALA A 165 -0.64 12.28 6.93
N GLY A 166 -0.13 13.49 6.75
CA GLY A 166 -0.45 14.61 7.63
C GLY A 166 0.53 14.57 8.78
N PRO A 167 0.40 15.50 9.74
CA PRO A 167 1.26 15.46 10.93
C PRO A 167 1.02 14.21 11.77
N VAL A 168 2.09 13.67 12.37
CA VAL A 168 2.00 12.43 13.14
C VAL A 168 1.10 12.65 14.33
N PRO A 169 0.02 11.89 14.42
CA PRO A 169 -0.95 12.13 15.48
C PRO A 169 -0.63 11.31 16.73
N PRO A 170 -1.12 11.74 17.90
CA PRO A 170 -0.92 10.95 19.12
C PRO A 170 -1.83 9.73 19.15
N ASN A 171 -2.93 9.81 18.42
CA ASN A 171 -4.00 8.82 18.49
C ASN A 171 -4.31 8.11 17.15
N PRO A 172 -3.30 7.47 16.54
CA PRO A 172 -3.51 6.94 15.18
C PRO A 172 -4.69 5.97 15.11
N SER A 173 -4.71 4.99 16.02
CA SER A 173 -5.75 3.96 16.04
C SER A 173 -7.12 4.60 16.01
N GLU A 174 -7.26 5.68 16.78
CA GLU A 174 -8.51 6.37 16.94
C GLU A 174 -8.96 7.07 15.64
N LEU A 175 -8.03 7.73 14.96
CA LEU A 175 -8.33 8.32 13.66
C LEU A 175 -8.74 7.27 12.62
N ILE A 176 -7.98 6.17 12.55
CA ILE A 176 -8.23 5.14 11.53
C ILE A 176 -9.60 4.49 11.72
N GLY A 177 -9.99 4.28 12.97
CA GLY A 177 -11.26 3.64 13.26
C GLY A 177 -12.44 4.60 13.21
N SER A 178 -12.18 5.86 12.88
CA SER A 178 -13.23 6.87 12.93
C SER A 178 -14.23 6.80 11.78
N GLU A 179 -15.31 7.53 11.94
CA GLU A 179 -16.36 7.55 10.95
C GLU A 179 -15.95 8.46 9.79
N ARG A 180 -15.25 9.55 10.08
CA ARG A 180 -14.85 10.45 8.99
C ARG A 180 -13.98 9.70 7.98
N PHE A 181 -13.17 8.76 8.47
CA PHE A 181 -12.27 8.00 7.59
C PHE A 181 -13.03 7.09 6.63
N LYS A 182 -13.90 6.24 7.19
CA LYS A 182 -14.75 5.38 6.38
C LYS A 182 -15.50 6.18 5.35
N GLU A 183 -16.05 7.33 5.76
CA GLU A 183 -16.82 8.15 4.82
C GLU A 183 -15.95 8.92 3.83
N LEU A 184 -14.74 9.30 4.25
CA LEU A 184 -13.80 9.92 3.30
C LEU A 184 -13.34 8.93 2.21
N VAL A 185 -13.12 7.68 2.59
CA VAL A 185 -12.75 6.63 1.63
C VAL A 185 -13.88 6.45 0.61
N ASP A 186 -15.10 6.34 1.10
CA ASP A 186 -16.27 6.26 0.24
C ASP A 186 -16.38 7.44 -0.73
N LEU A 187 -16.15 8.66 -0.25
CA LEU A 187 -16.16 9.83 -1.12
C LEU A 187 -15.08 9.72 -2.18
N PHE A 188 -13.89 9.36 -1.74
CA PHE A 188 -12.74 9.28 -2.62
C PHE A 188 -13.00 8.27 -3.73
N ASN A 189 -13.66 7.18 -3.38
CA ASN A 189 -13.86 6.08 -4.30
C ASN A 189 -15.00 6.42 -5.27
N LYS A 190 -15.66 7.54 -5.06
CA LYS A 190 -16.64 8.02 -6.02
C LYS A 190 -15.96 8.72 -7.20
N ARG A 191 -14.75 9.21 -6.99
CA ARG A 191 -14.06 9.95 -8.05
C ARG A 191 -12.67 9.43 -8.43
N TYR A 192 -12.21 8.39 -7.74
CA TYR A 192 -10.94 7.76 -8.12
C TYR A 192 -11.19 6.31 -8.53
N ASP A 193 -10.58 5.91 -9.64
CA ASP A 193 -10.78 4.55 -10.14
C ASP A 193 -10.17 3.57 -9.16
N ILE A 194 -8.99 3.90 -8.65
CA ILE A 194 -8.34 3.03 -7.67
C ILE A 194 -7.65 3.81 -6.56
N ILE A 195 -7.79 3.29 -5.34
CA ILE A 195 -7.13 3.88 -4.19
C ILE A 195 -6.14 2.88 -3.62
N ILE A 196 -4.89 3.29 -3.50
CA ILE A 196 -3.85 2.43 -2.95
C ILE A 196 -3.36 3.01 -1.65
N VAL A 197 -3.44 2.23 -0.58
CA VAL A 197 -3.15 2.76 0.75
C VAL A 197 -1.90 2.12 1.37
N ASP A 198 -0.89 2.93 1.64
CA ASP A 198 0.30 2.49 2.36
C ASP A 198 -0.09 2.36 3.84
N THR A 199 0.58 1.49 4.58
CA THR A 199 0.23 1.20 5.98
C THR A 199 1.48 0.89 6.76
N PRO A 200 1.40 0.91 8.10
CA PRO A 200 2.50 0.43 8.96
C PRO A 200 2.52 -1.09 9.00
N PRO A 201 3.68 -1.71 9.34
CA PRO A 201 3.74 -3.18 9.40
C PRO A 201 2.69 -3.78 10.33
N VAL A 202 2.20 -4.95 9.98
CA VAL A 202 1.13 -5.61 10.72
C VAL A 202 1.54 -6.08 12.12
N ASN A 203 2.70 -6.72 12.25
CA ASN A 203 3.15 -7.22 13.56
C ASN A 203 3.59 -6.12 14.52
N THR A 204 3.66 -4.89 14.01
CA THR A 204 4.20 -3.77 14.75
C THR A 204 3.06 -3.04 15.48
N VAL A 205 2.03 -2.65 14.73
CA VAL A 205 0.85 -2.00 15.31
C VAL A 205 -0.37 -2.55 14.56
N THR A 206 -1.56 -2.30 15.10
CA THR A 206 -2.80 -2.82 14.53
C THR A 206 -3.41 -1.92 13.45
N ASP A 207 -2.64 -0.93 13.00
CA ASP A 207 -3.14 0.04 12.03
C ASP A 207 -3.70 -0.63 10.78
N ALA A 208 -2.97 -1.59 10.21
CA ALA A 208 -3.42 -2.25 8.96
C ALA A 208 -4.72 -3.03 9.15
N GLN A 209 -4.84 -3.73 10.26
CA GLN A 209 -6.07 -4.47 10.57
C GLN A 209 -7.27 -3.55 10.64
N LEU A 210 -7.07 -2.35 11.20
CA LEU A 210 -8.15 -1.38 11.30
C LEU A 210 -8.51 -0.83 9.95
N TYR A 211 -7.49 -0.63 9.12
CA TYR A 211 -7.70 -0.16 7.75
C TYR A 211 -8.56 -1.16 6.98
N ALA A 212 -8.43 -2.44 7.33
CA ALA A 212 -9.21 -3.50 6.69
C ALA A 212 -10.74 -3.37 6.83
N ARG A 213 -11.22 -2.48 7.69
CA ARG A 213 -12.65 -2.18 7.74
C ARG A 213 -13.12 -1.40 6.51
N ALA A 214 -12.34 -0.39 6.12
CA ALA A 214 -12.71 0.43 4.96
C ALA A 214 -12.11 -0.14 3.66
N ILE A 215 -11.02 -0.90 3.79
CA ILE A 215 -10.31 -1.41 2.61
C ILE A 215 -10.13 -2.93 2.67
N LYS A 216 -10.98 -3.66 1.97
CA LYS A 216 -11.01 -5.12 2.12
C LYS A 216 -9.85 -5.84 1.39
N ASP A 217 -9.52 -5.40 0.18
CA ASP A 217 -8.45 -6.07 -0.59
C ASP A 217 -7.06 -5.63 -0.14
N SER A 218 -6.11 -6.57 -0.16
CA SER A 218 -4.76 -6.23 0.27
C SER A 218 -3.68 -7.04 -0.42
N LEU A 219 -2.44 -6.54 -0.34
CA LEU A 219 -1.24 -7.23 -0.80
C LEU A 219 -0.35 -7.31 0.41
N LEU A 220 0.44 -8.38 0.45
CA LEU A 220 1.42 -8.59 1.52
C LEU A 220 2.81 -8.54 0.87
N VAL A 221 3.66 -7.62 1.32
CA VAL A 221 5.00 -7.50 0.77
C VAL A 221 5.98 -8.21 1.70
N ILE A 222 6.80 -9.09 1.15
CA ILE A 222 7.71 -9.89 1.97
C ILE A 222 9.14 -9.56 1.56
N ASP A 223 10.00 -9.30 2.53
CA ASP A 223 11.44 -9.16 2.29
C ASP A 223 12.04 -10.55 2.03
N ASN A 224 12.40 -10.84 0.78
CA ASN A 224 12.88 -12.16 0.39
C ASN A 224 14.17 -12.58 1.12
N GLU A 225 15.09 -11.63 1.32
CA GLU A 225 16.38 -11.91 1.97
C GLU A 225 16.30 -12.14 3.48
N LYS A 226 15.32 -11.51 4.13
CA LYS A 226 15.22 -11.51 5.58
C LYS A 226 13.78 -11.60 6.03
N ASN A 227 13.32 -12.78 6.41
CA ASN A 227 11.96 -12.91 6.94
C ASN A 227 11.79 -14.20 7.74
N ASP A 228 10.78 -14.21 8.59
CA ASP A 228 10.42 -15.37 9.40
C ASP A 228 9.10 -15.90 8.88
N LYS A 229 9.10 -17.17 8.50
CA LYS A 229 7.91 -17.89 8.05
C LYS A 229 6.73 -17.64 8.98
N ASN A 230 6.96 -17.79 10.27
CA ASN A 230 5.89 -17.67 11.26
C ASN A 230 5.34 -16.25 11.44
N GLU A 231 6.24 -15.26 11.41
CA GLU A 231 5.85 -13.84 11.39
C GLU A 231 4.87 -13.51 10.25
N VAL A 232 5.26 -13.93 9.05
CA VAL A 232 4.44 -13.70 7.86
C VAL A 232 3.09 -14.42 7.98
N LYS A 233 3.07 -15.59 8.61
CA LYS A 233 1.81 -16.30 8.81
C LYS A 233 0.94 -15.56 9.79
N LYS A 234 1.54 -15.06 10.87
CA LYS A 234 0.78 -14.32 11.86
C LYS A 234 0.12 -13.10 11.22
N ALA A 235 0.92 -12.34 10.48
CA ALA A 235 0.43 -11.17 9.76
C ALA A 235 -0.73 -11.53 8.84
N LYS A 236 -0.59 -12.64 8.11
CA LYS A 236 -1.66 -13.09 7.23
C LYS A 236 -2.91 -13.47 8.02
N ALA A 237 -2.72 -14.17 9.13
CA ALA A 237 -3.86 -14.50 10.00
C ALA A 237 -4.52 -13.24 10.56
N LEU A 238 -3.70 -12.31 11.04
CA LEU A 238 -4.21 -11.06 11.59
C LEU A 238 -4.99 -10.30 10.53
N MET A 239 -4.45 -10.21 9.32
CA MET A 239 -5.15 -9.52 8.25
C MET A 239 -6.43 -10.27 7.90
N GLU A 240 -6.35 -11.59 7.82
CA GLU A 240 -7.55 -12.39 7.52
C GLU A 240 -8.62 -12.24 8.62
N LYS A 241 -8.20 -12.15 9.88
CA LYS A 241 -9.14 -11.95 10.98
C LYS A 241 -9.87 -10.60 10.93
N ALA A 242 -9.16 -9.56 10.49
CA ALA A 242 -9.76 -8.23 10.35
C ALA A 242 -10.70 -8.16 9.14
N GLY A 243 -10.79 -9.28 8.41
CA GLY A 243 -11.65 -9.38 7.23
C GLY A 243 -11.02 -9.01 5.90
N SER A 244 -9.69 -9.11 5.80
CA SER A 244 -8.99 -8.67 4.59
C SER A 244 -8.93 -9.76 3.52
N ASN A 245 -9.25 -9.39 2.29
CA ASN A 245 -9.02 -10.28 1.18
C ASN A 245 -7.60 -10.13 0.63
N ILE A 246 -6.69 -10.96 1.11
CA ILE A 246 -5.33 -10.94 0.62
C ILE A 246 -5.20 -11.46 -0.83
N LEU A 247 -5.06 -10.52 -1.76
CA LEU A 247 -4.94 -10.84 -3.17
C LEU A 247 -3.70 -11.68 -3.47
N GLY A 248 -2.62 -11.42 -2.75
CA GLY A 248 -1.38 -12.14 -3.01
C GLY A 248 -0.19 -11.48 -2.38
N VAL A 249 0.98 -11.98 -2.72
CA VAL A 249 2.22 -11.59 -2.07
C VAL A 249 3.14 -10.93 -3.08
N ILE A 250 3.90 -9.92 -2.65
CA ILE A 250 4.99 -9.42 -3.47
C ILE A 250 6.30 -9.78 -2.78
N LEU A 251 7.14 -10.55 -3.45
CA LEU A 251 8.46 -10.87 -2.93
C LEU A 251 9.39 -9.74 -3.32
N ASN A 252 10.03 -9.13 -2.33
CA ASN A 252 10.86 -7.97 -2.58
C ASN A 252 12.32 -8.26 -2.28
N LYS A 253 13.23 -7.51 -2.91
CA LYS A 253 14.68 -7.63 -2.68
C LYS A 253 15.23 -9.02 -3.05
N THR A 254 14.56 -9.67 -3.99
CA THR A 254 14.94 -11.02 -4.40
C THR A 254 16.29 -11.02 -5.11
PB ADP B . 8.55 -0.14 4.36
O1B ADP B . 8.89 0.20 5.83
O2B ADP B . 7.55 0.81 3.73
O3B ADP B . 8.25 -1.61 4.13
PA ADP B . 10.31 0.94 2.28
O1A ADP B . 10.45 2.40 2.67
O2A ADP B . 9.43 0.55 1.10
O3A ADP B . 9.97 0.09 3.63
O5' ADP B . 11.79 0.36 1.98
C5' ADP B . 12.79 0.42 3.00
C4' ADP B . 14.14 0.71 2.33
O4' ADP B . 14.44 -0.40 1.47
C3' ADP B . 14.10 1.97 1.46
O3' ADP B . 15.23 2.78 1.75
C2' ADP B . 14.13 1.46 0.03
O2' ADP B . 14.90 2.30 -0.85
C1' ADP B . 14.71 0.05 0.14
N9 ADP B . 14.13 -0.90 -0.84
C8 ADP B . 12.82 -1.19 -1.01
N7 ADP B . 12.64 -2.09 -2.00
C5 ADP B . 13.86 -2.39 -2.50
C6 ADP B . 14.40 -3.26 -3.56
N6 ADP B . 13.59 -4.04 -4.32
N1 ADP B . 15.74 -3.27 -3.75
C2 ADP B . 16.57 -2.51 -3.01
N3 ADP B . 16.16 -1.70 -2.03
C4 ADP B . 14.83 -1.59 -1.74
MG MG C . 7.46 2.90 4.87
#